data_6Q8D
#
_entry.id   6Q8D
#
_cell.length_a   51.445
_cell.length_b   51.445
_cell.length_c   98.006
_cell.angle_alpha   90.000
_cell.angle_beta   90.000
_cell.angle_gamma   90.000
#
_symmetry.space_group_name_H-M   'P 42 2 2'
#
loop_
_entity.id
_entity.type
_entity.pdbx_description
1 polymer 'Fucose-binding lectin'
2 polymer SB15
3 non-polymer 'CALCIUM ION'
4 non-polymer '3,7-anhydro-2,8-dideoxy-L-glycero-D-gluco-octonic acid'
5 water water
#
loop_
_entity_poly.entity_id
_entity_poly.type
_entity_poly.pdbx_seq_one_letter_code
_entity_poly.pdbx_strand_id
1 'polypeptide(L)'
;ATQGVFTLPANTRFGVTAFANSSGTQTVNVLVNNETAATFSGQSTNNAVIGTQVLNSGSSGKVQVQVSVNGRPSDLVSAQ
VILTNELNFALVGSEDGTDNDYNDAVVVINWPLG
;
A
2 'polypeptide(D)' (DLE)(DLY)(DAL)(DLE)(DLY)(DLY)(DLE)(DAL)(DLY)(DLY)(DTY) B
#
# COMPACT_ATOMS: atom_id res chain seq x y z
N ALA A 1 3.61 14.04 9.71
CA ALA A 1 2.53 13.16 10.14
C ALA A 1 2.72 11.73 9.66
N THR A 2 2.07 10.81 10.36
CA THR A 2 2.11 9.40 9.97
C THR A 2 1.41 9.21 8.62
N GLN A 3 1.99 8.34 7.79
CA GLN A 3 1.48 8.06 6.46
C GLN A 3 1.46 6.55 6.27
N GLY A 4 0.53 6.09 5.42
CA GLY A 4 0.44 4.67 5.12
C GLY A 4 -0.31 3.85 6.14
N VAL A 5 -1.04 4.49 7.05
CA VAL A 5 -1.80 3.83 8.10
C VAL A 5 -3.27 4.19 7.92
N PHE A 6 -4.11 3.16 7.87
CA PHE A 6 -5.53 3.37 7.62
C PHE A 6 -6.36 2.53 8.58
N THR A 7 -7.43 3.13 9.11
CA THR A 7 -8.40 2.43 9.94
C THR A 7 -9.58 2.03 9.06
N LEU A 8 -9.70 0.74 8.80
CA LEU A 8 -10.81 0.19 8.04
C LEU A 8 -11.87 -0.33 9.00
N PRO A 9 -13.11 -0.49 8.55
CA PRO A 9 -14.10 -1.13 9.42
C PRO A 9 -13.64 -2.55 9.73
N ALA A 10 -13.96 -3.00 10.94
CA ALA A 10 -13.41 -4.26 11.41
C ALA A 10 -13.97 -5.44 10.62
N ASN A 11 -13.14 -6.48 10.46
CA ASN A 11 -13.54 -7.75 9.86
C ASN A 11 -14.10 -7.54 8.46
N THR A 12 -13.44 -6.68 7.68
CA THR A 12 -13.86 -6.34 6.33
C THR A 12 -12.78 -6.76 5.35
N ARG A 13 -13.19 -7.44 4.28
CA ARG A 13 -12.24 -7.80 3.24
C ARG A 13 -11.87 -6.59 2.42
N PHE A 14 -10.60 -6.50 2.05
CA PHE A 14 -10.12 -5.42 1.20
C PHE A 14 -9.05 -5.95 0.26
N GLY A 15 -8.90 -5.26 -0.87
CA GLY A 15 -7.82 -5.55 -1.79
C GLY A 15 -6.62 -4.65 -1.55
N VAL A 16 -5.43 -5.18 -1.83
CA VAL A 16 -4.22 -4.40 -1.84
C VAL A 16 -3.43 -4.78 -3.08
N THR A 17 -2.89 -3.77 -3.76
CA THR A 17 -2.23 -3.93 -5.05
C THR A 17 -1.07 -2.96 -5.13
N ALA A 18 0.08 -3.44 -5.58
CA ALA A 18 1.28 -2.62 -5.67
C ALA A 18 1.78 -2.54 -7.11
N PHE A 19 2.23 -1.35 -7.48
CA PHE A 19 2.84 -1.05 -8.77
C PHE A 19 4.25 -0.51 -8.53
N ALA A 20 5.16 -0.77 -9.46
CA ALA A 20 6.53 -0.31 -9.33
C ALA A 20 6.91 0.61 -10.49
N ASN A 21 7.70 1.65 -10.17
CA ASN A 21 8.17 2.66 -11.13
C ASN A 21 9.53 3.16 -10.61
N SER A 22 10.54 2.30 -10.67
CA SER A 22 11.86 2.69 -10.21
C SER A 22 12.90 1.71 -10.72
N SER A 23 14.14 2.19 -10.80
CA SER A 23 15.26 1.30 -11.03
C SER A 23 15.49 0.38 -9.84
N GLY A 24 15.15 0.84 -8.63
CA GLY A 24 15.31 0.01 -7.46
C GLY A 24 14.23 -1.04 -7.35
N THR A 25 14.62 -2.19 -6.78
CA THR A 25 13.67 -3.27 -6.51
C THR A 25 12.83 -2.89 -5.29
N GLN A 26 11.51 -2.84 -5.46
CA GLN A 26 10.60 -2.40 -4.40
C GLN A 26 10.11 -3.59 -3.59
N THR A 27 10.10 -3.43 -2.26
CA THR A 27 9.48 -4.38 -1.36
C THR A 27 8.36 -3.68 -0.60
N VAL A 28 7.14 -4.22 -0.71
CA VAL A 28 5.95 -3.67 -0.09
C VAL A 28 5.44 -4.67 0.94
N ASN A 29 5.27 -4.22 2.19
CA ASN A 29 4.71 -5.04 3.25
C ASN A 29 3.36 -4.46 3.67
N VAL A 30 2.36 -5.32 3.84
CA VAL A 30 1.05 -4.91 4.32
C VAL A 30 0.85 -5.54 5.70
N LEU A 31 0.59 -4.69 6.70
CA LEU A 31 0.43 -5.13 8.08
C LEU A 31 -1.03 -4.93 8.50
N VAL A 32 -1.63 -6.00 9.00
CA VAL A 32 -2.97 -5.94 9.59
C VAL A 32 -2.81 -6.22 11.07
N ASN A 33 -3.22 -5.27 11.91
CA ASN A 33 -3.06 -5.37 13.36
C ASN A 33 -1.58 -5.58 13.70
N ASN A 34 -0.70 -4.87 12.99
CA ASN A 34 0.74 -4.87 13.23
C ASN A 34 1.36 -6.26 13.04
N GLU A 35 0.83 -7.03 12.10
CA GLU A 35 1.34 -8.35 11.77
C GLU A 35 1.41 -8.46 10.25
N THR A 36 2.57 -8.86 9.73
CA THR A 36 2.75 -8.93 8.28
C THR A 36 1.72 -9.88 7.68
N ALA A 37 0.84 -9.35 6.83
CA ALA A 37 -0.20 -10.14 6.19
C ALA A 37 0.05 -10.38 4.71
N ALA A 38 0.90 -9.57 4.08
CA ALA A 38 1.26 -9.75 2.68
C ALA A 38 2.53 -8.98 2.39
N THR A 39 3.34 -9.53 1.49
CA THR A 39 4.56 -8.88 1.02
C THR A 39 4.67 -9.06 -0.49
N PHE A 40 5.03 -7.98 -1.18
CA PHE A 40 5.26 -7.99 -2.62
C PHE A 40 6.66 -7.47 -2.89
N SER A 41 7.37 -8.11 -3.80
CA SER A 41 8.64 -7.57 -4.26
C SER A 41 8.72 -7.67 -5.77
N GLY A 42 9.38 -6.69 -6.38
CA GLY A 42 9.49 -6.65 -7.82
C GLY A 42 10.17 -5.38 -8.26
N GLN A 43 10.44 -5.32 -9.56
CA GLN A 43 11.06 -4.15 -10.17
C GLN A 43 10.39 -3.86 -11.49
N SER A 44 10.16 -2.59 -11.74
CA SER A 44 9.58 -2.12 -13.00
C SER A 44 9.76 -0.62 -13.06
N THR A 45 10.03 -0.12 -14.25
CA THR A 45 9.90 1.31 -14.57
C THR A 45 8.69 1.56 -15.47
N ASN A 46 7.79 0.57 -15.55
CA ASN A 46 6.63 0.63 -16.43
C ASN A 46 5.36 0.24 -15.67
N ASN A 47 5.29 0.58 -14.38
CA ASN A 47 4.04 0.42 -13.61
C ASN A 47 3.59 -1.05 -13.52
N ALA A 48 4.51 -2.01 -13.60
CA ALA A 48 4.07 -3.40 -13.51
C ALA A 48 3.47 -3.67 -12.14
N VAL A 49 2.42 -4.48 -12.12
CA VAL A 49 1.83 -4.96 -10.88
C VAL A 49 2.83 -5.94 -10.25
N ILE A 50 3.40 -5.58 -9.09
CA ILE A 50 4.32 -6.49 -8.41
C ILE A 50 3.63 -7.34 -7.36
N GLY A 51 2.34 -7.11 -7.10
CA GLY A 51 1.60 -7.97 -6.21
C GLY A 51 0.17 -7.52 -6.00
N THR A 52 -0.74 -8.46 -5.74
CA THR A 52 -2.11 -8.11 -5.41
C THR A 52 -2.68 -9.22 -4.54
N GLN A 53 -3.53 -8.81 -3.57
CA GLN A 53 -3.92 -9.74 -2.52
C GLN A 53 -5.21 -9.25 -1.86
N VAL A 54 -6.07 -10.20 -1.49
CA VAL A 54 -7.26 -9.91 -0.70
C VAL A 54 -6.97 -10.25 0.75
N LEU A 55 -7.28 -9.31 1.64
CA LEU A 55 -6.99 -9.45 3.07
C LEU A 55 -8.23 -9.11 3.86
N ASN A 56 -8.21 -9.48 5.14
CA ASN A 56 -9.26 -9.12 6.08
C ASN A 56 -8.69 -8.14 7.10
N SER A 57 -9.44 -7.07 7.36
CA SER A 57 -8.98 -6.01 8.27
C SER A 57 -8.91 -6.45 9.73
N GLY A 58 -9.39 -7.64 10.06
CA GLY A 58 -9.28 -8.17 11.41
C GLY A 58 -10.06 -7.38 12.45
N SER A 59 -9.88 -7.81 13.70
CA SER A 59 -10.58 -7.19 14.84
C SER A 59 -10.29 -5.70 14.94
N SER A 60 -9.07 -5.30 14.59
CA SER A 60 -8.65 -3.90 14.78
C SER A 60 -9.09 -3.02 13.62
N GLY A 61 -8.97 -3.51 12.39
CA GLY A 61 -9.10 -2.67 11.23
C GLY A 61 -7.86 -1.87 10.89
N LYS A 62 -6.79 -1.98 11.69
CA LYS A 62 -5.58 -1.21 11.46
C LYS A 62 -4.76 -1.88 10.35
N VAL A 63 -4.67 -1.21 9.21
CA VAL A 63 -3.84 -1.64 8.09
C VAL A 63 -2.71 -0.63 7.92
N GLN A 64 -1.48 -1.12 7.78
CA GLN A 64 -0.33 -0.28 7.51
C GLN A 64 0.45 -0.81 6.31
N VAL A 65 0.89 0.12 5.46
CA VAL A 65 1.69 -0.19 4.27
C VAL A 65 3.10 0.33 4.50
N GLN A 66 4.10 -0.50 4.22
CA GLN A 66 5.49 -0.09 4.30
C GLN A 66 6.17 -0.41 2.98
N VAL A 67 7.09 0.47 2.57
CA VAL A 67 7.85 0.31 1.33
C VAL A 67 9.33 0.51 1.64
N SER A 68 10.17 -0.36 1.07
CA SER A 68 11.61 -0.25 1.20
C SER A 68 12.25 -0.70 -0.10
N VAL A 69 13.46 -0.23 -0.35
CA VAL A 69 14.25 -0.58 -1.53
C VAL A 69 15.61 -1.05 -1.06
N ASN A 70 15.92 -2.33 -1.27
CA ASN A 70 17.17 -2.92 -0.78
C ASN A 70 17.36 -2.65 0.72
N GLY A 71 16.25 -2.58 1.47
CA GLY A 71 16.29 -2.36 2.89
C GLY A 71 16.06 -0.93 3.33
N ARG A 72 16.26 0.04 2.45
CA ARG A 72 16.12 1.44 2.83
C ARG A 72 14.64 1.86 2.81
N PRO A 73 14.08 2.30 3.93
CA PRO A 73 12.67 2.70 3.93
C PRO A 73 12.43 3.91 3.02
N SER A 74 11.40 3.81 2.19
CA SER A 74 10.99 4.92 1.34
C SER A 74 10.13 5.89 2.13
N ASP A 75 10.17 7.15 1.71
CA ASP A 75 9.28 8.18 2.26
C ASP A 75 7.89 7.99 1.67
N LEU A 76 6.88 7.92 2.54
CA LEU A 76 5.51 7.65 2.10
C LEU A 76 4.66 8.91 2.08
N VAL A 77 3.69 8.94 1.14
CA VAL A 77 2.56 9.86 1.15
C VAL A 77 1.30 9.02 1.00
N SER A 78 0.21 9.48 1.63
CA SER A 78 -1.01 8.67 1.60
C SER A 78 -2.24 9.53 1.84
N ALA A 79 -3.40 8.98 1.50
CA ALA A 79 -4.70 9.59 1.80
C ALA A 79 -5.78 8.55 1.53
N GLN A 80 -6.96 8.77 2.12
CA GLN A 80 -8.13 7.97 1.84
C GLN A 80 -9.20 8.83 1.19
N VAL A 81 -9.90 8.25 0.22
CA VAL A 81 -10.95 8.93 -0.54
C VAL A 81 -12.18 8.02 -0.58
N ILE A 82 -13.35 8.59 -0.30
CA ILE A 82 -14.61 7.88 -0.35
C ILE A 82 -15.49 8.50 -1.42
N LEU A 83 -16.00 7.66 -2.32
CA LEU A 83 -16.87 8.05 -3.41
C LEU A 83 -18.28 7.57 -3.12
N THR A 84 -19.26 8.43 -3.43
CA THR A 84 -20.68 8.28 -3.16
C THR A 84 -20.93 7.62 -1.81
N ASN A 85 -20.12 7.99 -0.81
CA ASN A 85 -20.35 7.63 0.59
C ASN A 85 -20.31 6.12 0.80
N GLU A 86 -19.50 5.44 -0.02
CA GLU A 86 -19.58 3.98 -0.07
C GLU A 86 -18.27 3.33 -0.48
N LEU A 87 -17.68 3.79 -1.58
CA LEU A 87 -16.51 3.14 -2.17
C LEU A 87 -15.23 3.77 -1.65
N ASN A 88 -14.35 2.95 -1.06
CA ASN A 88 -13.19 3.45 -0.33
C ASN A 88 -11.89 3.11 -1.07
N PHE A 89 -11.03 4.12 -1.23
CA PHE A 89 -9.64 3.94 -1.66
C PHE A 89 -8.71 4.45 -0.58
N ALA A 90 -7.72 3.64 -0.20
CA ALA A 90 -6.57 4.09 0.58
C ALA A 90 -5.34 4.03 -0.33
N LEU A 91 -4.72 5.17 -0.55
CA LEU A 91 -3.68 5.35 -1.56
C LEU A 91 -2.35 5.67 -0.89
N VAL A 92 -1.28 5.10 -1.44
CA VAL A 92 0.07 5.28 -0.92
C VAL A 92 1.01 5.52 -2.09
N GLY A 93 1.84 6.56 -1.97
CA GLY A 93 2.98 6.75 -2.85
C GLY A 93 4.27 6.63 -2.07
N SER A 94 5.40 6.45 -2.77
CA SER A 94 6.66 6.30 -2.06
C SER A 94 7.80 6.83 -2.92
N GLU A 95 8.82 7.36 -2.25
CA GLU A 95 10.00 7.92 -2.92
C GLU A 95 11.24 7.23 -2.37
N ASP A 96 11.99 6.58 -3.26
CA ASP A 96 13.20 5.87 -2.85
C ASP A 96 14.48 6.65 -3.14
N GLY A 97 14.38 7.79 -3.82
CA GLY A 97 15.57 8.53 -4.22
C GLY A 97 15.44 10.02 -4.02
N THR A 98 15.84 10.81 -5.03
CA THR A 98 15.89 12.26 -4.91
C THR A 98 14.97 13.00 -5.87
N ASP A 99 14.44 12.35 -6.91
CA ASP A 99 13.65 13.06 -7.90
C ASP A 99 12.23 13.36 -7.44
N ASN A 100 11.79 12.76 -6.33
CA ASN A 100 10.50 13.06 -5.71
C ASN A 100 9.33 12.91 -6.68
N ASP A 101 9.33 11.85 -7.49
CA ASP A 101 8.11 11.58 -8.23
C ASP A 101 7.12 10.75 -7.42
N TYR A 102 7.56 10.17 -6.30
CA TYR A 102 6.70 9.48 -5.33
C TYR A 102 5.86 8.38 -5.98
N ASN A 103 6.37 7.76 -7.05
CA ASN A 103 5.69 6.64 -7.69
C ASN A 103 6.52 5.36 -7.67
N ASP A 104 7.62 5.34 -6.91
CA ASP A 104 8.58 4.24 -6.97
C ASP A 104 7.91 2.91 -6.63
N ALA A 105 7.15 2.88 -5.53
CA ALA A 105 6.10 1.89 -5.31
C ALA A 105 4.81 2.66 -5.06
N VAL A 106 3.76 2.29 -5.79
CA VAL A 106 2.40 2.81 -5.60
C VAL A 106 1.54 1.67 -5.09
N VAL A 107 0.82 1.91 -3.99
CA VAL A 107 -0.04 0.91 -3.36
C VAL A 107 -1.47 1.44 -3.30
N VAL A 108 -2.42 0.62 -3.76
CA VAL A 108 -3.84 0.94 -3.75
C VAL A 108 -4.58 -0.09 -2.91
N ILE A 109 -5.32 0.39 -1.91
CA ILE A 109 -6.19 -0.43 -1.09
C ILE A 109 -7.62 -0.02 -1.39
N ASN A 110 -8.50 -1.02 -1.59
CA ASN A 110 -9.89 -0.69 -1.91
C ASN A 110 -10.84 -1.63 -1.18
N TRP A 111 -11.99 -1.09 -0.79
CA TRP A 111 -13.05 -1.85 -0.14
C TRP A 111 -14.33 -1.06 -0.28
N PRO A 112 -15.51 -1.71 -0.13
CA PRO A 112 -15.76 -3.13 0.10
C PRO A 112 -15.48 -3.97 -1.13
N LEU A 113 -15.31 -5.27 -0.95
CA LEU A 113 -15.20 -6.21 -2.05
C LEU A 113 -16.52 -6.94 -2.23
N GLY A 114 -16.56 -7.83 -3.22
CA GLY A 114 -17.71 -8.69 -3.41
C GLY A 114 -18.81 -8.09 -4.26
#